data_8KDO
#
_entry.id   8KDO
#
_cell.length_a   1.00
_cell.length_b   1.00
_cell.length_c   1.00
_cell.angle_alpha   90.00
_cell.angle_beta   90.00
_cell.angle_gamma   90.00
#
_symmetry.space_group_name_H-M   'P 1'
#
loop_
_entity.id
_entity.type
_entity.pdbx_description
1 polymer '4F2 cell-surface antigen heavy chain'
2 polymer 'Large neutral amino acids transporter small subunit 1'
3 non-polymer melphalan
#
loop_
_entity_poly.entity_id
_entity_poly.type
_entity_poly.pdbx_seq_one_letter_code
_entity_poly.pdbx_strand_id
1 'polypeptide(L)'
;GSELQPPEASIAVVSIPRQLPGSHSEAGVQGLSAGDDSELGSHCVAQTGLELLASGDPLPSASQNAEMIETGSDCVTQAG
LQLLASSDPPALASKNAEVTGTMSQDTEVDMKEVELNELEPEKQPMNAASGAAMSLAGAEKNGLVKIKVAEDEAEAAAAA
KFTGLSKEELLKVAGSPGWVRTRWALLLLFWLGWLGMLAGAVVIIVRAPRCRELPAQKWWHTGALYRIGDLQAFQGHGAG
NLAGLKGRLDYLSSLKVKGLVLGPIHKNQKDDVAQTDLLQIDPNFGSKEDFDSLLQSAKKKSIRVILDLTPNYRGENSWF
STQVDTVATKVKDALEFWLQAGVDGFQVRDIENLKDASSFLAEWQNITKGFSEDRLLIAGTNSSDLQQILSLLESNKDLL
LTSSYLSDSGSTGEHTKSLVTQYLNATGNRWCSWSLSQARLLTSFLPAQLLRLYQLMLFTLPGTPVFSYGDEIGLDAAAL
PGQPMEAPVMLWDESSFPDIPGAVSANMTVKGQSEDPGSLLSLFRRLSDQRSKERSLLHGDFHAFSAGPGLFSYIRHWDQ
NERFLVVLNFGDVGLSAGLQASDLPASASLPAKADLLLSTQPGREEGSPLELERLKLEPHEGLLLRFPYAA
;
A
2 'polypeptide(L)'
;MAGAGPKRRALAAPAAEEKEEAREKMLAAKSADGSAPAGEGEGVTLQRNITLLNGVAIIVGTIIGSGIFVTPTGVLKEAG
SPGLALVVWAACGVFSIVGALCYAELGTTISKSGGDYAYMLEVYGSLPAFLKLWIELLIIRPSSQYIVALVFATYLLKPL
FPTCPVPEEAAKLVACLCVLLLTAVNCYSVKAATRVQDAFAAAKLLALALIILLGFVQIGKGDVSNLDPNFSFEGTKLDV
GNIVLALYSGLFAYGGWNYLNFVTEEMINPYRNLPLAIIISLPIVTLVYVLTNLAYFTTLSTEQMLSSEAVAVDFGNYHL
GVMSWIIPVFVGLSCFGSVNGSLFTSSRLFFVGSREGHLPSILSMIHPQLLTPVPSLVFTCVMTLLYAFSKDIFSVINFF
SFFNWLCVALAIIGMIWLRHRKPELERPIKVNLALPVFFILACLFLIAVSFWKTPVECGIGFTIILSGLPVYFFGVWWKN
KPKWLLQGIFSTTVLCQKLMQVVPQETDYKDDDDK
;
B
#
# COMPACT_ATOMS: atom_id res chain seq x y z
N THR A 163 -14.27 -22.18 14.44
CA THR A 163 -12.83 -22.18 14.86
C THR A 163 -12.18 -23.47 14.39
N GLY A 164 -10.85 -23.43 14.23
CA GLY A 164 -10.07 -24.54 13.69
C GLY A 164 -9.35 -25.37 14.75
N LEU A 165 -8.34 -26.13 14.27
CA LEU A 165 -7.70 -27.21 15.02
C LEU A 165 -6.80 -26.68 16.15
N SER A 166 -6.69 -27.47 17.22
CA SER A 166 -5.76 -27.23 18.33
C SER A 166 -4.29 -27.29 17.89
N LYS A 167 -3.43 -26.50 18.57
CA LYS A 167 -1.97 -26.58 18.45
C LYS A 167 -1.44 -27.98 18.82
N GLU A 168 -1.71 -28.44 20.05
CA GLU A 168 -1.22 -29.72 20.56
C GLU A 168 -1.88 -30.92 19.85
N GLU A 169 -3.09 -30.75 19.28
CA GLU A 169 -3.67 -31.74 18.40
C GLU A 169 -2.87 -31.83 17.10
N LEU A 170 -2.56 -30.68 16.49
CA LEU A 170 -1.79 -30.64 15.25
C LEU A 170 -0.43 -31.31 15.42
N LEU A 171 0.22 -31.24 16.60
CA LEU A 171 1.50 -31.92 16.83
C LEU A 171 1.43 -33.43 16.57
N LYS A 172 0.24 -34.05 16.71
CA LYS A 172 0.07 -35.50 16.52
C LYS A 172 0.11 -35.91 15.04
N VAL A 173 -0.26 -34.99 14.12
CA VAL A 173 -0.34 -35.25 12.68
C VAL A 173 0.81 -34.61 11.92
N ALA A 174 1.19 -33.37 12.26
CA ALA A 174 1.99 -32.51 11.40
C ALA A 174 3.43 -33.02 11.18
N GLY A 175 3.95 -33.86 12.11
CA GLY A 175 5.26 -34.49 11.99
C GLY A 175 5.28 -35.81 11.21
N SER A 176 4.12 -36.30 10.72
CA SER A 176 4.06 -37.53 9.92
C SER A 176 4.90 -37.41 8.65
N PRO A 177 5.76 -38.40 8.29
CA PRO A 177 6.60 -38.32 7.09
C PRO A 177 5.86 -37.94 5.80
N GLY A 178 4.63 -38.43 5.59
CA GLY A 178 3.80 -38.04 4.45
C GLY A 178 3.64 -36.52 4.30
N TRP A 179 3.27 -35.85 5.39
CA TRP A 179 3.12 -34.40 5.41
C TRP A 179 4.48 -33.68 5.31
N VAL A 180 5.55 -34.16 5.96
CA VAL A 180 6.87 -33.54 5.85
C VAL A 180 7.41 -33.65 4.42
N ARG A 181 7.25 -34.81 3.78
CA ARG A 181 7.55 -35.00 2.37
C ARG A 181 6.70 -34.08 1.49
N THR A 182 5.41 -33.92 1.80
CA THR A 182 4.52 -32.99 1.09
C THR A 182 5.04 -31.55 1.15
N ARG A 183 5.37 -31.03 2.32
CA ARG A 183 5.94 -29.70 2.43
C ARG A 183 7.28 -29.58 1.68
N TRP A 184 8.17 -30.56 1.79
CA TRP A 184 9.42 -30.56 1.04
C TRP A 184 9.17 -30.45 -0.46
N ALA A 185 8.22 -31.24 -0.98
CA ALA A 185 7.84 -31.21 -2.39
C ALA A 185 7.28 -29.83 -2.77
N LEU A 186 6.35 -29.28 -2.00
CA LEU A 186 5.72 -28.03 -2.38
C LEU A 186 6.70 -26.86 -2.29
N LEU A 187 7.52 -26.75 -1.25
CA LEU A 187 8.51 -25.67 -1.15
C LEU A 187 9.63 -25.85 -2.18
N LEU A 188 9.75 -27.02 -2.83
CA LEU A 188 10.55 -27.13 -4.05
C LEU A 188 9.74 -26.66 -5.26
N LEU A 189 8.50 -27.15 -5.43
CA LEU A 189 7.66 -26.80 -6.59
C LEU A 189 7.34 -25.30 -6.71
N PHE A 190 7.13 -24.59 -5.60
CA PHE A 190 6.96 -23.15 -5.64
C PHE A 190 8.22 -22.48 -6.19
N TRP A 191 9.40 -22.80 -5.65
CA TRP A 191 10.63 -22.17 -6.08
C TRP A 191 10.95 -22.51 -7.55
N LEU A 192 10.71 -23.77 -7.93
CA LEU A 192 10.82 -24.24 -9.31
C LEU A 192 9.87 -23.48 -10.22
N GLY A 193 8.60 -23.31 -9.82
CA GLY A 193 7.59 -22.61 -10.60
C GLY A 193 7.87 -21.11 -10.75
N TRP A 194 8.38 -20.46 -9.72
CA TRP A 194 8.90 -19.10 -9.80
C TRP A 194 10.05 -19.04 -10.79
N LEU A 195 11.04 -19.95 -10.69
CA LEU A 195 12.11 -19.99 -11.69
C LEU A 195 11.60 -20.27 -13.12
N GLY A 196 10.52 -21.05 -13.25
CA GLY A 196 9.84 -21.24 -14.52
C GLY A 196 9.32 -19.93 -15.11
N MET A 197 8.61 -19.13 -14.32
CA MET A 197 8.16 -17.82 -14.75
C MET A 197 9.35 -16.91 -15.07
N LEU A 198 10.46 -17.00 -14.33
CA LEU A 198 11.63 -16.18 -14.55
C LEU A 198 12.24 -16.51 -15.91
N ALA A 199 12.49 -17.78 -16.17
CA ALA A 199 12.97 -18.19 -17.48
C ALA A 199 11.99 -17.79 -18.60
N GLY A 200 10.67 -17.96 -18.36
CA GLY A 200 9.62 -17.50 -19.26
C GLY A 200 9.76 -16.02 -19.62
N ALA A 201 9.84 -15.16 -18.60
CA ALA A 201 10.00 -13.73 -18.78
C ALA A 201 11.25 -13.43 -19.59
N VAL A 202 12.40 -14.07 -19.29
CA VAL A 202 13.62 -13.84 -20.04
C VAL A 202 13.44 -14.25 -21.51
N VAL A 203 12.76 -15.37 -21.76
CA VAL A 203 12.43 -15.78 -23.11
C VAL A 203 11.58 -14.73 -23.83
N ILE A 204 10.57 -14.12 -23.18
CA ILE A 204 9.78 -13.07 -23.80
C ILE A 204 10.67 -11.89 -24.18
N ILE A 205 11.53 -11.47 -23.25
CA ILE A 205 12.46 -10.35 -23.50
C ILE A 205 13.45 -10.62 -24.66
N VAL A 206 13.91 -11.85 -24.85
CA VAL A 206 14.70 -12.23 -26.01
C VAL A 206 13.84 -12.24 -27.28
N ARG A 207 12.68 -12.92 -27.23
CA ARG A 207 11.79 -13.16 -28.38
C ARG A 207 10.80 -11.99 -28.56
N ALA A 208 11.31 -10.74 -28.55
CA ALA A 208 10.49 -9.56 -28.81
C ALA A 208 11.27 -8.50 -29.61
N PRO A 209 10.60 -7.73 -30.50
CA PRO A 209 11.28 -6.77 -31.38
C PRO A 209 11.70 -5.49 -30.66
N ARG A 210 13.00 -5.16 -30.70
CA ARG A 210 13.53 -3.97 -30.03
C ARG A 210 13.06 -2.68 -30.71
N CYS A 211 12.88 -1.59 -29.94
CA CYS A 211 12.49 -0.29 -30.48
C CYS A 211 13.54 0.21 -31.49
N ARG A 212 13.10 0.71 -32.67
CA ARG A 212 13.99 1.32 -33.65
C ARG A 212 14.54 2.65 -33.10
N GLU A 213 15.83 2.91 -33.28
CA GLU A 213 16.42 4.15 -32.81
C GLU A 213 15.90 5.36 -33.60
N LEU A 214 15.99 6.54 -32.99
CA LEU A 214 15.45 7.78 -33.57
C LEU A 214 16.28 8.22 -34.80
N VAL B 44 1.92 -19.90 20.21
CA VAL B 44 2.93 -18.86 19.84
C VAL B 44 2.27 -17.49 19.74
N THR B 45 3.10 -16.43 19.64
CA THR B 45 2.67 -15.04 19.53
C THR B 45 3.59 -14.26 18.58
N LEU B 46 3.08 -13.32 17.77
CA LEU B 46 3.90 -12.52 16.85
C LEU B 46 4.84 -11.54 17.60
N GLN B 47 6.17 -11.79 17.59
CA GLN B 47 7.10 -10.92 18.31
C GLN B 47 7.27 -9.55 17.64
N ARG B 48 7.51 -8.53 18.49
CA ARG B 48 7.45 -7.11 18.14
C ARG B 48 8.78 -6.65 17.54
N ASN B 49 9.07 -7.05 16.30
CA ASN B 49 10.38 -6.87 15.70
C ASN B 49 10.62 -5.49 15.05
N ILE B 50 9.61 -4.62 14.89
CA ILE B 50 9.79 -3.35 14.17
C ILE B 50 10.40 -2.28 15.08
N THR B 51 11.64 -1.87 14.75
CA THR B 51 12.36 -0.81 15.47
C THR B 51 11.83 0.58 15.10
N LEU B 52 12.35 1.65 15.70
CA LEU B 52 12.01 3.01 15.31
C LEU B 52 12.43 3.24 13.85
N LEU B 53 13.66 2.87 13.49
CA LEU B 53 14.15 3.04 12.13
C LEU B 53 13.32 2.21 11.14
N ASN B 54 13.07 0.91 11.41
CA ASN B 54 12.27 0.08 10.52
C ASN B 54 10.84 0.63 10.43
N GLY B 55 10.31 1.20 11.50
CA GLY B 55 9.05 1.88 11.48
C GLY B 55 9.05 3.05 10.52
N VAL B 56 10.14 3.86 10.48
CA VAL B 56 10.28 4.89 9.46
C VAL B 56 10.34 4.29 8.06
N ALA B 57 11.13 3.25 7.84
CA ALA B 57 11.26 2.64 6.52
C ALA B 57 9.96 2.02 5.99
N ILE B 58 9.05 1.56 6.87
CA ILE B 58 7.72 1.09 6.52
C ILE B 58 6.92 2.24 5.92
N ILE B 59 7.02 3.44 6.51
CA ILE B 59 6.19 4.56 6.10
C ILE B 59 6.89 5.32 4.96
N VAL B 60 8.06 5.92 5.14
CA VAL B 60 8.73 6.68 4.09
C VAL B 60 8.98 5.80 2.86
N GLY B 61 9.22 4.51 3.07
CA GLY B 61 9.46 3.57 2.00
C GLY B 61 8.22 3.14 1.22
N THR B 62 7.02 3.59 1.61
CA THR B 62 5.78 3.22 0.93
C THR B 62 4.96 4.42 0.52
N ILE B 63 5.19 5.60 1.12
CA ILE B 63 4.58 6.86 0.67
C ILE B 63 5.05 7.17 -0.73
N ILE B 64 6.38 7.11 -0.92
CA ILE B 64 7.01 7.75 -2.05
C ILE B 64 6.81 6.96 -3.36
N GLY B 65 6.94 5.63 -3.34
CA GLY B 65 6.63 4.71 -4.44
C GLY B 65 6.83 5.25 -5.86
N SER B 66 5.76 5.19 -6.68
CA SER B 66 5.77 5.72 -8.04
C SER B 66 5.37 7.18 -8.07
N GLY B 67 4.60 7.64 -7.07
CA GLY B 67 3.88 8.91 -7.07
C GLY B 67 4.72 10.09 -7.58
N ILE B 68 5.79 10.44 -6.88
CA ILE B 68 6.56 11.63 -7.20
C ILE B 68 7.23 11.58 -8.58
N PHE B 69 7.60 10.40 -9.07
CA PHE B 69 8.31 10.29 -10.33
C PHE B 69 7.40 10.28 -11.56
N VAL B 70 6.06 10.15 -11.40
CA VAL B 70 5.12 10.10 -12.52
C VAL B 70 3.96 11.13 -12.40
N THR B 71 3.59 11.54 -11.18
CA THR B 71 2.43 12.40 -10.93
C THR B 71 2.57 13.88 -11.34
N PRO B 72 3.75 14.58 -11.29
CA PRO B 72 3.78 16.05 -11.43
C PRO B 72 3.04 16.67 -12.61
N THR B 73 3.06 16.00 -13.79
CA THR B 73 2.27 16.37 -14.95
C THR B 73 0.79 16.59 -14.59
N GLY B 74 0.22 15.69 -13.78
CA GLY B 74 -1.19 15.71 -13.35
C GLY B 74 -1.49 16.71 -12.24
N VAL B 75 -0.48 17.19 -11.50
CA VAL B 75 -0.63 18.40 -10.70
C VAL B 75 -0.66 19.65 -11.58
N LEU B 76 0.35 19.76 -12.45
CA LEU B 76 0.57 20.94 -13.27
C LEU B 76 -0.56 21.16 -14.28
N LYS B 77 -1.24 20.12 -14.76
CA LYS B 77 -2.39 20.27 -15.65
C LYS B 77 -3.54 21.07 -15.02
N GLU B 78 -3.78 20.87 -13.71
CA GLU B 78 -4.85 21.55 -12.98
C GLU B 78 -4.36 22.82 -12.27
N ALA B 79 -3.07 22.90 -11.90
CA ALA B 79 -2.46 24.12 -11.39
C ALA B 79 -2.21 25.16 -12.50
N GLY B 80 -1.88 24.69 -13.72
CA GLY B 80 -1.61 25.51 -14.90
C GLY B 80 -0.37 26.40 -14.83
N SER B 81 0.44 26.32 -13.76
CA SER B 81 1.56 27.24 -13.54
C SER B 81 2.63 26.65 -12.64
N PRO B 82 3.95 26.79 -12.96
CA PRO B 82 5.00 26.27 -12.08
C PRO B 82 5.10 26.99 -10.72
N GLY B 83 4.52 28.19 -10.60
CA GLY B 83 4.36 28.86 -9.31
C GLY B 83 3.39 28.10 -8.39
N LEU B 84 2.11 27.99 -8.84
CA LEU B 84 1.07 27.42 -8.00
C LEU B 84 1.27 25.90 -7.79
N ALA B 85 1.89 25.20 -8.73
CA ALA B 85 2.21 23.78 -8.52
C ALA B 85 3.07 23.60 -7.27
N LEU B 86 4.15 24.39 -7.10
CA LEU B 86 4.97 24.31 -5.91
C LEU B 86 4.22 24.76 -4.64
N VAL B 87 3.08 25.47 -4.77
CA VAL B 87 2.21 25.74 -3.63
C VAL B 87 1.45 24.47 -3.25
N VAL B 88 0.71 23.82 -4.17
CA VAL B 88 -0.14 22.68 -3.78
C VAL B 88 0.71 21.50 -3.30
N TRP B 89 1.94 21.34 -3.78
CA TRP B 89 2.84 20.34 -3.23
C TRP B 89 3.18 20.55 -1.75
N ALA B 90 3.27 21.80 -1.28
CA ALA B 90 3.46 22.10 0.14
C ALA B 90 2.14 21.99 0.91
N ALA B 91 1.05 22.55 0.37
CA ALA B 91 -0.25 22.59 1.03
C ALA B 91 -0.84 21.19 1.24
N CYS B 92 -0.79 20.33 0.24
CA CYS B 92 -1.15 18.92 0.41
C CYS B 92 -0.22 18.19 1.39
N GLY B 93 1.04 18.61 1.51
CA GLY B 93 1.93 18.13 2.56
C GLY B 93 1.39 18.48 3.96
N VAL B 94 1.03 19.74 4.18
CA VAL B 94 0.43 20.20 5.44
C VAL B 94 -0.81 19.35 5.76
N PHE B 95 -1.75 19.18 4.82
CA PHE B 95 -2.90 18.29 5.02
C PHE B 95 -2.48 16.87 5.47
N SER B 96 -1.44 16.34 4.84
CA SER B 96 -0.90 15.04 5.21
C SER B 96 -0.36 14.99 6.65
N ILE B 97 0.46 15.97 7.07
CA ILE B 97 0.95 16.00 8.44
C ILE B 97 -0.23 16.03 9.41
N VAL B 98 -1.21 16.92 9.22
CA VAL B 98 -2.28 17.02 10.22
C VAL B 98 -3.11 15.74 10.24
N GLY B 99 -3.33 15.12 9.09
CA GLY B 99 -3.97 13.81 9.05
C GLY B 99 -3.26 12.70 9.85
N ALA B 100 -1.97 12.51 9.53
CA ALA B 100 -1.15 11.53 10.23
C ALA B 100 -1.03 11.85 11.73
N LEU B 101 -0.97 13.13 12.12
CA LEU B 101 -0.96 13.50 13.53
C LEU B 101 -2.26 13.14 14.23
N CYS B 102 -3.39 13.16 13.53
CA CYS B 102 -4.62 12.59 14.09
C CYS B 102 -4.50 11.07 14.27
N TYR B 103 -3.84 10.38 13.34
CA TYR B 103 -3.62 8.94 13.44
C TYR B 103 -2.59 8.56 14.49
N ALA B 104 -1.60 9.39 14.76
CA ALA B 104 -0.64 9.17 15.85
C ALA B 104 -1.37 9.07 17.20
N GLU B 105 -2.30 10.03 17.47
CA GLU B 105 -3.21 9.93 18.60
C GLU B 105 -4.04 8.65 18.49
N LEU B 106 -4.86 8.54 17.45
CA LEU B 106 -5.89 7.50 17.43
C LEU B 106 -5.24 6.12 17.66
N GLY B 107 -4.17 5.84 16.96
CA GLY B 107 -3.47 4.57 17.12
C GLY B 107 -2.92 4.30 18.52
N THR B 108 -2.48 5.31 19.27
CA THR B 108 -2.01 5.11 20.64
C THR B 108 -3.15 5.17 21.67
N THR B 109 -4.33 5.72 21.34
CA THR B 109 -5.51 5.57 22.20
C THR B 109 -6.03 4.12 22.18
N ILE B 110 -6.22 3.54 20.99
CA ILE B 110 -6.71 2.18 20.84
C ILE B 110 -5.59 1.16 21.11
N SER B 111 -4.38 1.45 20.62
CA SER B 111 -3.16 0.63 20.77
C SER B 111 -3.35 -0.80 20.24
N LYS B 112 -3.74 -0.90 18.95
CA LYS B 112 -4.15 -2.13 18.30
C LYS B 112 -3.70 -2.13 16.83
N SER B 113 -3.47 -3.31 16.24
CA SER B 113 -2.79 -3.44 14.95
C SER B 113 -3.73 -3.35 13.73
N GLY B 114 -5.05 -3.45 13.87
CA GLY B 114 -5.90 -3.47 12.68
C GLY B 114 -6.08 -2.17 11.90
N GLY B 115 -5.28 -1.14 12.19
CA GLY B 115 -5.35 0.17 11.57
C GLY B 115 -6.77 0.72 11.42
N ASP B 116 -7.05 1.28 10.24
CA ASP B 116 -8.28 2.01 9.97
C ASP B 116 -9.51 1.11 9.99
N TYR B 117 -9.35 -0.23 10.08
CA TYR B 117 -10.45 -1.16 10.30
C TYR B 117 -10.69 -1.31 11.80
N ALA B 118 -9.66 -1.65 12.58
CA ALA B 118 -9.78 -1.68 14.03
C ALA B 118 -10.36 -0.37 14.56
N TYR B 119 -9.83 0.77 14.10
CA TYR B 119 -10.22 2.04 14.68
C TYR B 119 -11.66 2.42 14.37
N MET B 120 -12.36 1.71 13.48
CA MET B 120 -13.79 1.89 13.33
C MET B 120 -14.59 0.70 13.91
N LEU B 121 -13.99 -0.49 14.03
CA LEU B 121 -14.63 -1.61 14.71
C LEU B 121 -14.91 -1.26 16.19
N GLU B 122 -13.96 -0.57 16.83
CA GLU B 122 -14.08 -0.09 18.21
C GLU B 122 -15.11 1.02 18.40
N VAL B 123 -15.81 1.45 17.33
CA VAL B 123 -16.69 2.62 17.34
C VAL B 123 -18.03 2.30 16.66
N TYR B 124 -17.99 2.10 15.34
CA TYR B 124 -19.19 1.90 14.55
C TYR B 124 -19.71 0.45 14.62
N GLY B 125 -18.88 -0.49 15.10
CA GLY B 125 -19.28 -1.86 15.31
C GLY B 125 -19.13 -2.75 14.08
N SER B 126 -19.73 -3.95 14.15
CA SER B 126 -19.38 -5.10 13.33
C SER B 126 -19.55 -4.86 11.83
N LEU B 127 -20.78 -4.54 11.40
CA LEU B 127 -21.05 -4.47 9.95
C LEU B 127 -20.33 -3.27 9.32
N PRO B 128 -20.38 -2.01 9.85
CA PRO B 128 -19.58 -0.90 9.26
C PRO B 128 -18.09 -1.21 9.07
N ALA B 129 -17.45 -1.83 10.04
CA ALA B 129 -16.10 -2.32 9.88
C ALA B 129 -15.98 -3.40 8.81
N PHE B 130 -16.95 -4.33 8.72
CA PHE B 130 -16.91 -5.37 7.70
C PHE B 130 -17.00 -4.77 6.29
N LEU B 131 -17.85 -3.75 6.05
CA LEU B 131 -17.96 -3.19 4.72
C LEU B 131 -16.60 -2.68 4.23
N LYS B 132 -15.89 -1.95 5.10
CA LYS B 132 -14.52 -1.54 4.82
C LYS B 132 -13.64 -2.78 4.59
N LEU B 133 -13.67 -3.76 5.47
CA LEU B 133 -12.76 -4.88 5.34
C LEU B 133 -13.00 -5.64 4.03
N TRP B 134 -14.24 -5.89 3.66
CA TRP B 134 -14.56 -6.55 2.42
C TRP B 134 -13.97 -5.81 1.21
N ILE B 135 -14.16 -4.48 1.17
CA ILE B 135 -13.62 -3.65 0.11
C ILE B 135 -12.08 -3.63 0.12
N GLU B 136 -11.45 -3.56 1.31
CA GLU B 136 -10.00 -3.60 1.43
C GLU B 136 -9.41 -4.97 1.03
N LEU B 137 -10.15 -6.04 1.26
CA LEU B 137 -9.74 -7.40 0.95
C LEU B 137 -9.94 -7.76 -0.52
N LEU B 138 -11.05 -7.34 -1.12
CA LEU B 138 -11.39 -7.76 -2.46
C LEU B 138 -10.86 -6.79 -3.51
N ILE B 139 -10.77 -5.48 -3.20
CA ILE B 139 -10.49 -4.48 -4.22
C ILE B 139 -9.29 -3.62 -3.84
N ILE B 140 -9.38 -2.83 -2.76
CA ILE B 140 -8.46 -1.71 -2.59
C ILE B 140 -7.01 -2.19 -2.55
N ARG B 141 -6.76 -3.23 -1.78
CA ARG B 141 -5.39 -3.63 -1.53
C ARG B 141 -4.86 -4.58 -2.61
N PRO B 142 -5.58 -5.60 -3.14
CA PRO B 142 -5.08 -6.38 -4.28
C PRO B 142 -4.82 -5.51 -5.52
N SER B 143 -5.71 -4.56 -5.83
CA SER B 143 -5.48 -3.69 -6.98
C SER B 143 -4.26 -2.82 -6.77
N SER B 144 -4.14 -2.14 -5.62
CA SER B 144 -2.98 -1.31 -5.32
C SER B 144 -1.66 -2.09 -5.37
N GLN B 145 -1.61 -3.30 -4.83
CA GLN B 145 -0.41 -4.09 -4.93
C GLN B 145 -0.15 -4.37 -6.38
N TYR B 146 -1.14 -4.85 -7.13
CA TYR B 146 -0.91 -5.32 -8.49
C TYR B 146 -0.43 -4.16 -9.34
N ILE B 147 -1.13 -3.02 -9.37
CA ILE B 147 -0.69 -1.93 -10.23
C ILE B 147 0.71 -1.44 -9.85
N VAL B 148 1.04 -1.40 -8.56
CA VAL B 148 2.36 -0.92 -8.21
C VAL B 148 3.39 -1.96 -8.58
N ALA B 149 3.07 -3.23 -8.53
CA ALA B 149 3.96 -4.27 -9.07
C ALA B 149 4.14 -4.13 -10.58
N LEU B 150 3.09 -3.65 -11.26
CA LEU B 150 3.17 -3.40 -12.69
C LEU B 150 4.06 -2.19 -12.97
N VAL B 151 3.98 -1.16 -12.12
CA VAL B 151 4.87 -0.01 -12.22
C VAL B 151 6.31 -0.43 -12.02
N PHE B 152 6.57 -1.32 -11.08
CA PHE B 152 7.89 -1.90 -10.97
C PHE B 152 8.36 -2.50 -12.31
N ALA B 153 7.56 -3.39 -12.89
CA ALA B 153 7.95 -4.08 -14.09
C ALA B 153 8.17 -3.10 -15.26
N THR B 154 7.20 -2.22 -15.51
CA THR B 154 7.24 -1.44 -16.74
C THR B 154 8.41 -0.46 -16.70
N TYR B 155 8.73 0.12 -15.53
CA TYR B 155 9.89 1.00 -15.42
C TYR B 155 11.19 0.21 -15.39
N LEU B 156 11.22 -0.96 -14.76
CA LEU B 156 12.48 -1.72 -14.68
C LEU B 156 12.93 -2.19 -16.06
N LEU B 157 11.99 -2.58 -16.90
CA LEU B 157 12.29 -3.00 -18.25
C LEU B 157 12.55 -1.83 -19.21
N LYS B 158 12.20 -0.58 -18.86
CA LYS B 158 12.15 0.55 -19.79
C LYS B 158 13.46 0.75 -20.55
N PRO B 159 14.68 0.68 -19.99
CA PRO B 159 15.90 0.83 -20.79
C PRO B 159 16.21 -0.30 -21.80
N LEU B 160 15.51 -1.45 -21.77
CA LEU B 160 15.55 -2.39 -22.88
C LEU B 160 14.54 -2.07 -24.00
N PHE B 161 13.65 -1.09 -23.77
CA PHE B 161 12.68 -0.62 -24.74
C PHE B 161 12.53 0.90 -24.68
N PRO B 162 13.59 1.71 -24.93
CA PRO B 162 13.57 3.12 -24.57
C PRO B 162 12.49 4.01 -25.19
N THR B 163 12.00 3.64 -26.40
CA THR B 163 11.18 4.53 -27.21
C THR B 163 9.82 3.93 -27.59
N CYS B 164 9.47 2.77 -27.02
CA CYS B 164 8.24 2.06 -27.39
C CYS B 164 7.70 1.28 -26.19
N PRO B 165 6.39 0.97 -26.11
CA PRO B 165 5.87 0.23 -24.95
C PRO B 165 6.54 -1.14 -24.79
N VAL B 166 6.84 -1.49 -23.53
CA VAL B 166 7.38 -2.81 -23.20
C VAL B 166 6.30 -3.87 -23.43
N PRO B 167 6.69 -5.10 -23.87
CA PRO B 167 5.69 -6.11 -24.22
C PRO B 167 4.90 -6.58 -22.98
N GLU B 168 3.58 -6.70 -23.17
CA GLU B 168 2.62 -6.89 -22.09
C GLU B 168 2.87 -8.18 -21.28
N GLU B 169 3.14 -9.31 -21.93
CA GLU B 169 3.46 -10.53 -21.23
C GLU B 169 4.70 -10.38 -20.33
N ALA B 170 5.75 -9.71 -20.82
CA ALA B 170 6.96 -9.50 -20.03
C ALA B 170 6.65 -8.63 -18.82
N ALA B 171 5.86 -7.58 -19.01
CA ALA B 171 5.45 -6.75 -17.90
C ALA B 171 4.66 -7.57 -16.91
N LYS B 172 3.60 -8.29 -17.33
CA LYS B 172 2.83 -9.05 -16.35
C LYS B 172 3.61 -10.18 -15.66
N LEU B 173 4.47 -10.89 -16.35
CA LEU B 173 5.32 -11.87 -15.69
C LEU B 173 6.22 -11.18 -14.67
N VAL B 174 6.92 -10.12 -15.06
CA VAL B 174 7.86 -9.50 -14.16
C VAL B 174 7.12 -8.92 -12.96
N ALA B 175 5.92 -8.40 -13.15
CA ALA B 175 5.11 -7.90 -12.06
C ALA B 175 4.79 -9.03 -11.11
N CYS B 176 4.36 -10.18 -11.65
CA CYS B 176 3.95 -11.26 -10.78
C CYS B 176 5.13 -11.95 -10.08
N LEU B 177 6.26 -12.04 -10.75
CA LEU B 177 7.47 -12.57 -10.14
C LEU B 177 7.86 -11.74 -8.93
N CYS B 178 7.65 -10.42 -8.99
CA CYS B 178 7.82 -9.54 -7.83
C CYS B 178 6.86 -9.91 -6.68
N VAL B 179 5.57 -9.99 -6.95
CA VAL B 179 4.64 -10.34 -5.90
C VAL B 179 4.94 -11.73 -5.29
N LEU B 180 5.23 -12.74 -6.09
CA LEU B 180 5.61 -14.06 -5.56
C LEU B 180 6.87 -14.01 -4.70
N LEU B 181 7.95 -13.40 -5.21
CA LEU B 181 9.18 -13.34 -4.44
C LEU B 181 9.00 -12.56 -3.12
N LEU B 182 8.30 -11.43 -3.14
CA LEU B 182 8.08 -10.71 -1.90
C LEU B 182 7.20 -11.48 -0.93
N THR B 183 6.22 -12.25 -1.43
CA THR B 183 5.44 -13.06 -0.53
C THR B 183 6.34 -14.05 0.18
N ALA B 184 7.26 -14.71 -0.53
CA ALA B 184 8.13 -15.69 0.08
C ALA B 184 9.00 -14.99 1.12
N VAL B 185 9.57 -13.84 0.80
CA VAL B 185 10.41 -13.15 1.77
C VAL B 185 9.62 -12.79 3.04
N ASN B 186 8.37 -12.43 2.88
CA ASN B 186 7.52 -12.11 4.03
C ASN B 186 7.14 -13.37 4.81
N CYS B 187 7.09 -14.54 4.15
CA CYS B 187 6.79 -15.80 4.83
C CYS B 187 7.97 -16.29 5.67
N TYR B 188 9.21 -16.11 5.20
CA TYR B 188 10.39 -16.68 5.86
C TYR B 188 10.72 -15.95 7.16
N SER B 189 10.61 -14.62 7.15
CA SER B 189 11.11 -13.89 8.30
C SER B 189 10.64 -12.44 8.34
N VAL B 190 10.00 -12.02 9.44
CA VAL B 190 9.75 -10.61 9.70
C VAL B 190 11.06 -9.80 9.69
N LYS B 191 12.12 -10.39 10.22
CA LYS B 191 13.43 -9.78 10.25
C LYS B 191 13.91 -9.59 8.81
N ALA B 192 13.76 -10.59 7.93
CA ALA B 192 14.16 -10.45 6.54
C ALA B 192 13.32 -9.35 5.85
N ALA B 193 12.00 -9.40 5.96
CA ALA B 193 11.16 -8.43 5.26
C ALA B 193 11.45 -7.00 5.74
N THR B 194 11.68 -6.78 7.04
CA THR B 194 11.98 -5.43 7.54
C THR B 194 13.37 -4.97 7.13
N ARG B 195 14.35 -5.86 7.08
CA ARG B 195 15.68 -5.52 6.58
C ARG B 195 15.69 -5.30 5.07
N VAL B 196 14.78 -5.95 4.32
CA VAL B 196 14.52 -5.60 2.92
C VAL B 196 13.91 -4.20 2.82
N GLN B 197 12.99 -3.88 3.68
CA GLN B 197 12.34 -2.58 3.61
C GLN B 197 13.29 -1.40 3.84
N ASP B 198 14.33 -1.53 4.67
CA ASP B 198 15.41 -0.54 4.74
C ASP B 198 15.98 -0.28 3.35
N ALA B 199 16.41 -1.36 2.65
CA ALA B 199 17.17 -1.22 1.42
C ALA B 199 16.38 -0.37 0.42
N PHE B 200 15.08 -0.67 0.29
CA PHE B 200 14.24 0.00 -0.71
C PHE B 200 13.55 1.24 -0.18
N ALA B 201 13.67 1.56 1.11
CA ALA B 201 13.40 2.90 1.61
C ALA B 201 14.58 3.78 1.20
N ALA B 202 15.81 3.29 1.42
CA ALA B 202 17.01 4.04 1.11
C ALA B 202 17.00 4.32 -0.39
N ALA B 203 16.71 3.32 -1.23
CA ALA B 203 16.73 3.44 -2.70
C ALA B 203 15.93 4.64 -3.20
N LYS B 204 14.76 4.85 -2.63
CA LYS B 204 13.96 6.05 -2.97
C LYS B 204 14.63 7.37 -2.59
N LEU B 205 15.13 7.46 -1.35
CA LEU B 205 15.73 8.68 -0.85
C LEU B 205 17.02 8.97 -1.61
N LEU B 206 17.78 7.92 -2.02
CA LEU B 206 18.94 8.06 -2.89
C LEU B 206 18.55 8.56 -4.27
N ALA B 207 17.50 7.98 -4.86
CA ALA B 207 16.99 8.43 -6.16
C ALA B 207 16.52 9.89 -6.16
N LEU B 208 15.71 10.27 -5.17
CA LEU B 208 15.27 11.64 -5.04
C LEU B 208 16.42 12.58 -4.67
N ALA B 209 17.42 12.11 -3.92
CA ALA B 209 18.64 12.86 -3.71
C ALA B 209 19.33 13.11 -5.05
N LEU B 210 19.40 12.09 -5.92
CA LEU B 210 19.97 12.27 -7.26
C LEU B 210 19.18 13.31 -8.09
N ILE B 211 17.87 13.30 -8.07
CA ILE B 211 17.06 14.35 -8.68
C ILE B 211 17.40 15.73 -8.09
N ILE B 212 17.41 15.89 -6.75
CA ILE B 212 17.70 17.18 -6.13
C ILE B 212 19.13 17.66 -6.43
N LEU B 213 20.11 16.74 -6.40
CA LEU B 213 21.48 17.01 -6.78
C LEU B 213 21.58 17.60 -8.21
N LEU B 214 20.98 16.92 -9.20
CA LEU B 214 20.98 17.43 -10.57
C LEU B 214 20.28 18.79 -10.63
N GLY B 215 19.17 18.99 -9.90
CA GLY B 215 18.46 20.27 -9.85
C GLY B 215 19.35 21.43 -9.37
N PHE B 216 19.99 21.25 -8.22
CA PHE B 216 20.92 22.24 -7.69
C PHE B 216 22.10 22.48 -8.64
N VAL B 217 22.64 21.43 -9.28
CA VAL B 217 23.69 21.59 -10.29
C VAL B 217 23.22 22.47 -11.45
N GLN B 218 22.01 22.28 -11.97
CA GLN B 218 21.51 23.15 -13.04
C GLN B 218 21.30 24.60 -12.55
N ILE B 219 20.86 24.83 -11.30
CA ILE B 219 20.80 26.19 -10.76
C ILE B 219 22.21 26.80 -10.68
N GLY B 220 23.23 26.02 -10.27
CA GLY B 220 24.62 26.47 -10.24
C GLY B 220 25.22 26.79 -11.61
N LYS B 221 24.90 25.99 -12.64
CA LYS B 221 25.34 26.20 -14.01
C LYS B 221 24.57 27.30 -14.75
N GLY B 222 23.29 27.51 -14.40
CA GLY B 222 22.43 28.47 -15.07
C GLY B 222 22.04 28.08 -16.49
N PHE B 233 4.54 31.68 -11.51
CA PHE B 233 3.19 32.21 -11.17
C PHE B 233 2.39 32.69 -12.39
N GLU B 234 3.06 32.87 -13.54
CA GLU B 234 2.45 33.20 -14.82
C GLU B 234 1.42 32.16 -15.27
N GLY B 235 0.40 32.61 -16.03
CA GLY B 235 -0.57 31.73 -16.66
C GLY B 235 -1.59 31.05 -15.73
N THR B 236 -1.58 31.38 -14.41
CA THR B 236 -2.26 30.55 -13.41
C THR B 236 -3.80 30.57 -13.57
N LYS B 237 -4.41 29.37 -13.57
CA LYS B 237 -5.85 29.16 -13.67
C LYS B 237 -6.47 29.18 -12.26
N LEU B 238 -6.49 30.40 -11.66
CA LEU B 238 -6.77 30.68 -10.24
C LEU B 238 -8.19 30.35 -9.75
N ASP B 239 -9.03 29.68 -10.58
CA ASP B 239 -10.46 29.54 -10.33
C ASP B 239 -10.72 28.73 -9.04
N VAL B 240 -11.54 29.27 -8.13
CA VAL B 240 -11.82 28.65 -6.82
C VAL B 240 -12.42 27.23 -6.96
N GLY B 241 -13.17 26.97 -8.05
CA GLY B 241 -13.70 25.65 -8.37
C GLY B 241 -12.73 24.72 -9.09
N ASN B 242 -11.52 25.18 -9.45
CA ASN B 242 -10.47 24.40 -10.11
C ASN B 242 -9.36 24.03 -9.13
N ILE B 243 -8.89 24.99 -8.31
CA ILE B 243 -7.70 24.78 -7.49
C ILE B 243 -7.96 23.65 -6.47
N VAL B 244 -9.20 23.42 -6.00
CA VAL B 244 -9.46 22.27 -5.14
C VAL B 244 -9.14 20.94 -5.84
N LEU B 245 -9.41 20.83 -7.16
CA LEU B 245 -9.02 19.65 -7.94
C LEU B 245 -7.48 19.55 -8.09
N ALA B 246 -6.77 20.67 -8.17
CA ALA B 246 -5.31 20.66 -8.12
C ALA B 246 -4.80 20.10 -6.79
N LEU B 247 -5.37 20.52 -5.63
CA LEU B 247 -4.98 19.95 -4.34
C LEU B 247 -5.27 18.44 -4.27
N TYR B 248 -6.35 17.93 -4.87
CA TYR B 248 -6.67 16.50 -4.86
C TYR B 248 -5.54 15.66 -5.52
N SER B 249 -4.82 16.20 -6.50
CA SER B 249 -3.82 15.43 -7.23
C SER B 249 -2.68 14.93 -6.32
N GLY B 250 -2.36 15.66 -5.22
CA GLY B 250 -1.34 15.24 -4.26
C GLY B 250 -1.77 14.08 -3.37
N LEU B 251 -3.07 13.74 -3.32
CA LEU B 251 -3.55 12.65 -2.46
C LEU B 251 -3.53 11.28 -3.15
N PHE B 252 -2.69 11.14 -4.18
CA PHE B 252 -2.05 9.90 -4.55
C PHE B 252 -0.60 9.93 -4.06
N ALA B 253 0.07 11.08 -4.24
CA ALA B 253 1.50 11.21 -4.00
C ALA B 253 1.87 11.10 -2.52
N TYR B 254 1.08 11.70 -1.62
CA TYR B 254 1.31 11.59 -0.18
C TYR B 254 0.63 10.39 0.48
N GLY B 255 -0.35 9.78 -0.21
CA GLY B 255 -1.17 8.72 0.34
C GLY B 255 -0.35 7.50 0.77
N GLY B 256 -0.68 6.98 1.96
CA GLY B 256 0.06 5.86 2.56
C GLY B 256 0.59 6.17 3.96
N TRP B 257 0.48 7.42 4.43
CA TRP B 257 0.93 7.75 5.78
C TRP B 257 0.18 6.98 6.90
N ASN B 258 -0.99 6.44 6.61
CA ASN B 258 -1.68 5.60 7.58
C ASN B 258 -1.13 4.19 7.68
N TYR B 259 -0.22 3.75 6.80
CA TYR B 259 0.18 2.35 6.76
C TYR B 259 0.81 1.87 8.07
N LEU B 260 1.57 2.73 8.76
CA LEU B 260 2.24 2.34 10.00
C LEU B 260 1.28 1.94 11.14
N ASN B 261 0.02 2.38 11.10
CA ASN B 261 -1.01 1.96 12.06
C ASN B 261 -1.47 0.52 11.88
N PHE B 262 -1.53 -0.01 10.67
CA PHE B 262 -1.82 -1.41 10.43
C PHE B 262 -0.77 -2.40 10.96
N VAL B 263 0.37 -1.94 11.53
CA VAL B 263 1.36 -2.82 12.11
C VAL B 263 1.70 -2.44 13.56
N THR B 264 0.84 -1.70 14.25
CA THR B 264 1.12 -1.15 15.57
C THR B 264 1.64 -2.22 16.55
N GLU B 265 0.98 -3.40 16.67
CA GLU B 265 1.35 -4.43 17.63
C GLU B 265 2.71 -5.06 17.34
N GLU B 266 3.37 -4.71 16.24
CA GLU B 266 4.67 -5.28 15.90
C GLU B 266 5.82 -4.30 16.16
N MET B 267 5.54 -3.06 16.62
CA MET B 267 6.62 -2.18 17.05
C MET B 267 7.08 -2.47 18.49
N ILE B 268 8.40 -2.28 18.74
CA ILE B 268 9.04 -2.61 20.01
C ILE B 268 8.44 -1.84 21.20
N ASN B 269 8.07 -0.56 21.00
CA ASN B 269 7.48 0.29 22.03
C ASN B 269 6.57 1.33 21.38
N PRO B 270 5.33 0.95 20.97
CA PRO B 270 4.54 1.79 20.06
C PRO B 270 4.21 3.15 20.64
N TYR B 271 4.03 3.25 21.96
CA TYR B 271 3.63 4.51 22.59
C TYR B 271 4.65 5.62 22.33
N ARG B 272 5.93 5.26 22.10
CA ARG B 272 6.92 6.19 21.57
C ARG B 272 6.98 6.04 20.04
N ASN B 273 7.18 4.81 19.53
CA ASN B 273 7.63 4.63 18.16
C ASN B 273 6.59 5.11 17.14
N LEU B 274 5.30 4.86 17.34
CA LEU B 274 4.29 5.18 16.32
C LEU B 274 4.18 6.70 16.11
N PRO B 275 3.92 7.56 17.12
CA PRO B 275 3.90 8.99 16.90
C PRO B 275 5.28 9.51 16.49
N LEU B 276 6.38 8.97 17.01
CA LEU B 276 7.69 9.51 16.66
C LEU B 276 8.04 9.17 15.20
N ALA B 277 7.75 7.96 14.70
CA ALA B 277 8.06 7.58 13.32
C ALA B 277 7.23 8.40 12.34
N ILE B 278 5.96 8.71 12.67
CA ILE B 278 5.17 9.67 11.87
C ILE B 278 5.81 11.06 11.82
N ILE B 279 6.19 11.60 12.97
CA ILE B 279 6.77 12.94 13.05
C ILE B 279 8.18 12.99 12.42
N ILE B 280 8.99 11.92 12.50
CA ILE B 280 10.26 11.85 11.77
C ILE B 280 10.02 11.76 10.25
N SER B 281 9.09 10.90 9.80
CA SER B 281 8.89 10.56 8.40
C SER B 281 8.20 11.65 7.60
N LEU B 282 6.96 11.97 7.97
CA LEU B 282 6.10 12.65 7.01
C LEU B 282 6.54 14.10 6.69
N PRO B 283 7.08 14.91 7.62
CA PRO B 283 7.76 16.15 7.28
C PRO B 283 8.98 15.99 6.37
N ILE B 284 9.78 14.92 6.52
CA ILE B 284 10.90 14.67 5.61
C ILE B 284 10.38 14.45 4.20
N VAL B 285 9.32 13.66 4.02
CA VAL B 285 8.70 13.47 2.71
C VAL B 285 8.25 14.80 2.10
N THR B 286 7.58 15.63 2.90
CA THR B 286 7.15 16.94 2.46
C THR B 286 8.32 17.78 1.92
N LEU B 287 9.43 17.83 2.66
CA LEU B 287 10.60 18.58 2.23
C LEU B 287 11.12 18.01 0.90
N VAL B 288 11.23 16.68 0.82
CA VAL B 288 11.78 16.02 -0.35
C VAL B 288 10.92 16.32 -1.58
N TYR B 289 9.59 16.33 -1.45
CA TYR B 289 8.72 16.61 -2.58
C TYR B 289 8.86 18.02 -3.13
N VAL B 290 8.86 19.04 -2.26
CA VAL B 290 8.98 20.39 -2.77
C VAL B 290 10.35 20.59 -3.41
N LEU B 291 11.43 20.05 -2.84
CA LEU B 291 12.75 20.13 -3.46
C LEU B 291 12.79 19.33 -4.77
N THR B 292 12.09 18.18 -4.85
CA THR B 292 12.11 17.39 -6.07
C THR B 292 11.37 18.10 -7.20
N ASN B 293 10.21 18.69 -6.93
CA ASN B 293 9.50 19.43 -7.95
C ASN B 293 10.28 20.68 -8.38
N LEU B 294 10.88 21.41 -7.41
CA LEU B 294 11.74 22.55 -7.70
C LEU B 294 12.82 22.07 -8.68
N ALA B 295 13.47 20.93 -8.40
CA ALA B 295 14.47 20.36 -9.29
C ALA B 295 13.91 20.12 -10.71
N TYR B 296 12.75 19.48 -10.87
CA TYR B 296 12.15 19.26 -12.19
C TYR B 296 11.96 20.59 -12.94
N PHE B 297 11.41 21.61 -12.27
CA PHE B 297 11.19 22.90 -12.91
C PHE B 297 12.47 23.65 -13.29
N THR B 298 13.66 23.25 -12.83
CA THR B 298 14.90 23.79 -13.37
C THR B 298 15.16 23.33 -14.80
N THR B 299 14.68 22.13 -15.16
CA THR B 299 15.11 21.43 -16.38
C THR B 299 14.03 21.40 -17.45
N LEU B 300 12.79 21.11 -17.04
CA LEU B 300 11.70 20.91 -17.99
C LEU B 300 10.77 22.13 -17.97
N SER B 301 10.47 22.66 -19.16
CA SER B 301 9.46 23.68 -19.36
C SER B 301 8.05 23.14 -19.10
N THR B 302 7.10 24.05 -18.83
CA THR B 302 5.69 23.69 -18.64
C THR B 302 5.15 22.83 -19.79
N GLU B 303 5.48 23.21 -21.03
CA GLU B 303 5.01 22.50 -22.22
C GLU B 303 5.57 21.06 -22.31
N GLN B 304 6.85 20.85 -21.93
CA GLN B 304 7.42 19.52 -21.81
C GLN B 304 6.71 18.73 -20.71
N MET B 305 6.64 19.31 -19.51
CA MET B 305 6.21 18.57 -18.35
C MET B 305 4.73 18.20 -18.46
N LEU B 306 3.88 19.12 -18.97
CA LEU B 306 2.44 18.89 -19.06
C LEU B 306 2.04 17.86 -20.14
N SER B 307 2.98 17.53 -21.06
CA SER B 307 2.74 16.56 -22.13
C SER B 307 3.43 15.22 -21.92
N SER B 308 4.56 15.18 -21.20
CA SER B 308 5.45 14.02 -21.10
C SER B 308 4.87 12.86 -20.29
N GLU B 309 5.35 11.64 -20.59
CA GLU B 309 4.72 10.38 -20.16
C GLU B 309 5.16 10.03 -18.72
N ALA B 310 6.45 10.29 -18.43
CA ALA B 310 7.12 9.94 -17.18
C ALA B 310 8.22 10.96 -16.89
N VAL B 311 7.86 12.02 -16.17
CA VAL B 311 8.63 13.26 -16.18
C VAL B 311 10.08 13.01 -15.73
N ALA B 312 10.25 12.14 -14.74
CA ALA B 312 11.56 11.82 -14.19
C ALA B 312 12.47 11.12 -15.21
N VAL B 313 11.91 10.35 -16.16
CA VAL B 313 12.73 9.66 -17.15
C VAL B 313 13.27 10.68 -18.16
N ASP B 314 12.43 11.62 -18.61
CA ASP B 314 12.88 12.69 -19.51
C ASP B 314 13.91 13.60 -18.84
N PHE B 315 13.68 13.96 -17.58
CA PHE B 315 14.69 14.63 -16.75
C PHE B 315 16.01 13.84 -16.72
N GLY B 316 15.94 12.52 -16.53
CA GLY B 316 17.10 11.65 -16.60
C GLY B 316 17.82 11.68 -17.95
N ASN B 317 17.07 11.61 -19.05
CA ASN B 317 17.63 11.71 -20.40
C ASN B 317 18.30 13.08 -20.65
N TYR B 318 17.74 14.17 -20.10
CA TYR B 318 18.26 15.51 -20.31
C TYR B 318 19.67 15.68 -19.75
N HIS B 319 19.95 15.14 -18.55
CA HIS B 319 21.25 15.30 -17.88
C HIS B 319 22.21 14.14 -18.07
N LEU B 320 21.72 12.89 -17.95
CA LEU B 320 22.58 11.73 -17.73
C LEU B 320 22.77 10.91 -19.01
N GLY B 321 23.16 11.55 -20.14
CA GLY B 321 23.08 10.96 -21.47
C GLY B 321 23.77 9.59 -21.65
N VAL B 322 24.88 9.34 -20.93
CA VAL B 322 25.64 8.09 -21.05
C VAL B 322 24.95 6.97 -20.27
N MET B 323 24.30 7.34 -19.13
CA MET B 323 23.76 6.40 -18.16
C MET B 323 22.28 6.71 -17.82
N SER B 324 21.48 7.08 -18.83
CA SER B 324 20.16 7.65 -18.60
C SER B 324 19.20 6.63 -17.99
N TRP B 325 19.58 5.34 -18.03
CA TRP B 325 18.79 4.26 -17.45
C TRP B 325 18.76 4.30 -15.91
N ILE B 326 19.65 5.08 -15.28
CA ILE B 326 19.70 5.21 -13.83
C ILE B 326 18.32 5.55 -13.24
N ILE B 327 17.70 6.66 -13.71
CA ILE B 327 16.41 7.03 -13.14
C ILE B 327 15.31 6.00 -13.44
N PRO B 328 15.07 5.52 -14.68
CA PRO B 328 14.15 4.42 -14.94
C PRO B 328 14.29 3.23 -13.99
N VAL B 329 15.52 2.74 -13.75
CA VAL B 329 15.73 1.65 -12.81
C VAL B 329 15.43 2.08 -11.36
N PHE B 330 15.82 3.28 -10.93
CA PHE B 330 15.44 3.75 -9.60
C PHE B 330 13.92 3.91 -9.38
N VAL B 331 13.17 4.40 -10.36
CA VAL B 331 11.72 4.37 -10.23
C VAL B 331 11.23 2.92 -10.13
N GLY B 332 11.84 1.99 -10.84
CA GLY B 332 11.50 0.61 -10.67
C GLY B 332 11.76 0.11 -9.26
N LEU B 333 12.99 0.27 -8.74
CA LEU B 333 13.34 -0.21 -7.42
C LEU B 333 12.53 0.50 -6.34
N SER B 334 12.18 1.78 -6.56
CA SER B 334 11.27 2.46 -5.66
C SER B 334 10.00 1.64 -5.49
N CYS B 335 9.38 1.23 -6.58
CA CYS B 335 8.13 0.50 -6.54
C CYS B 335 8.27 -0.85 -5.85
N PHE B 336 9.39 -1.53 -6.04
CA PHE B 336 9.60 -2.83 -5.41
C PHE B 336 9.47 -2.72 -3.88
N GLY B 337 10.00 -1.68 -3.28
CA GLY B 337 9.79 -1.42 -1.86
C GLY B 337 8.37 -0.99 -1.46
N SER B 338 7.64 -0.38 -2.37
CA SER B 338 6.29 0.01 -2.07
C SER B 338 5.47 -1.26 -2.05
N VAL B 339 5.73 -2.21 -2.97
CA VAL B 339 4.93 -3.43 -2.98
C VAL B 339 5.23 -4.17 -1.70
N ASN B 340 6.51 -4.32 -1.35
CA ASN B 340 6.86 -5.07 -0.16
C ASN B 340 6.08 -4.52 1.04
N GLY B 341 6.20 -3.24 1.31
CA GLY B 341 5.53 -2.65 2.44
C GLY B 341 4.02 -2.81 2.36
N SER B 342 3.41 -2.67 1.18
CA SER B 342 1.96 -2.75 1.01
C SER B 342 1.48 -4.16 1.28
N LEU B 343 2.33 -5.16 0.95
CA LEU B 343 2.05 -6.58 1.13
C LEU B 343 2.24 -6.98 2.60
N PHE B 344 3.35 -6.60 3.21
CA PHE B 344 3.58 -6.82 4.63
C PHE B 344 2.43 -6.26 5.44
N THR B 345 2.10 -5.00 5.19
CA THR B 345 1.04 -4.30 5.90
C THR B 345 -0.37 -4.85 5.61
N SER B 346 -0.68 -5.21 4.39
CA SER B 346 -1.95 -5.85 4.10
C SER B 346 -2.13 -7.18 4.82
N SER B 347 -1.08 -7.97 4.93
CA SER B 347 -1.20 -9.26 5.58
C SER B 347 -1.76 -9.14 6.98
N ARG B 348 -1.40 -8.06 7.67
CA ARG B 348 -1.81 -7.85 9.05
C ARG B 348 -3.29 -7.52 9.10
N LEU B 349 -3.81 -6.75 8.15
CA LEU B 349 -5.24 -6.44 8.15
C LEU B 349 -6.08 -7.72 8.07
N PHE B 350 -5.84 -8.58 7.09
CA PHE B 350 -6.64 -9.79 6.90
C PHE B 350 -6.51 -10.75 8.08
N PHE B 351 -5.30 -10.85 8.62
CA PHE B 351 -5.07 -11.53 9.89
C PHE B 351 -5.92 -10.97 11.04
N VAL B 352 -5.80 -9.67 11.33
CA VAL B 352 -6.58 -9.05 12.39
C VAL B 352 -8.08 -9.23 12.17
N GLY B 353 -8.60 -9.00 10.95
CA GLY B 353 -10.00 -9.20 10.65
C GLY B 353 -10.50 -10.58 11.08
N SER B 354 -9.67 -11.63 10.92
CA SER B 354 -10.04 -12.98 11.30
C SER B 354 -10.06 -13.17 12.81
N ARG B 355 -9.18 -12.49 13.58
CA ARG B 355 -9.23 -12.58 15.03
C ARG B 355 -10.60 -12.10 15.54
N GLU B 356 -11.02 -10.95 15.01
CA GLU B 356 -12.21 -10.25 15.49
C GLU B 356 -13.49 -10.81 14.87
N GLY B 357 -13.41 -11.97 14.17
CA GLY B 357 -14.57 -12.77 13.83
C GLY B 357 -15.15 -12.46 12.45
N HIS B 358 -14.50 -11.58 11.69
CA HIS B 358 -15.01 -11.14 10.40
C HIS B 358 -14.61 -12.08 9.24
N LEU B 359 -13.61 -12.97 9.41
CA LEU B 359 -13.06 -13.76 8.31
C LEU B 359 -12.73 -15.19 8.71
N PRO B 360 -12.68 -16.18 7.77
CA PRO B 360 -12.47 -17.59 8.12
C PRO B 360 -11.21 -17.85 8.94
N SER B 361 -11.35 -18.76 9.92
CA SER B 361 -10.35 -18.91 10.98
C SER B 361 -9.09 -19.63 10.49
N ILE B 362 -8.93 -19.81 9.17
CA ILE B 362 -7.64 -20.20 8.63
C ILE B 362 -6.69 -19.00 8.70
N LEU B 363 -7.16 -17.78 8.47
CA LEU B 363 -6.29 -16.62 8.28
C LEU B 363 -5.77 -16.07 9.61
N SER B 364 -6.30 -16.50 10.77
CA SER B 364 -5.76 -16.12 12.08
C SER B 364 -4.51 -16.90 12.47
N MET B 365 -4.20 -17.96 11.74
CA MET B 365 -3.19 -18.93 12.12
C MET B 365 -1.80 -18.39 11.81
N ILE B 366 -0.83 -18.88 12.58
CA ILE B 366 0.58 -18.54 12.47
C ILE B 366 1.40 -19.82 12.30
N HIS B 367 2.51 -19.78 11.58
CA HIS B 367 3.44 -20.90 11.48
C HIS B 367 4.40 -20.96 12.66
N PRO B 368 4.33 -21.95 13.59
CA PRO B 368 5.10 -21.94 14.83
C PRO B 368 6.62 -21.83 14.71
N GLN B 369 7.21 -22.43 13.68
CA GLN B 369 8.66 -22.43 13.55
C GLN B 369 9.21 -21.05 13.18
N LEU B 370 8.48 -20.27 12.34
CA LEU B 370 8.98 -19.03 11.75
C LEU B 370 8.17 -17.77 12.13
N LEU B 371 7.01 -17.95 12.77
CA LEU B 371 6.26 -16.91 13.49
C LEU B 371 5.75 -15.82 12.53
N THR B 372 5.20 -16.26 11.38
CA THR B 372 4.62 -15.40 10.36
C THR B 372 3.22 -15.89 10.01
N PRO B 373 2.26 -14.97 9.69
CA PRO B 373 0.88 -15.37 9.41
C PRO B 373 0.77 -15.92 8.02
N VAL B 374 1.52 -16.99 7.71
CA VAL B 374 1.58 -17.66 6.41
C VAL B 374 0.24 -17.73 5.63
N PRO B 375 -0.90 -18.23 6.15
CA PRO B 375 -2.11 -18.22 5.36
C PRO B 375 -2.56 -16.83 4.90
N SER B 376 -2.38 -15.78 5.73
CA SER B 376 -2.71 -14.44 5.30
C SER B 376 -1.84 -13.95 4.14
N LEU B 377 -0.54 -14.18 4.20
CA LEU B 377 0.37 -13.82 3.12
C LEU B 377 0.07 -14.61 1.84
N VAL B 378 -0.16 -15.93 1.95
CA VAL B 378 -0.54 -16.71 0.79
C VAL B 378 -1.84 -16.19 0.23
N PHE B 379 -2.82 -15.86 1.07
CA PHE B 379 -4.08 -15.30 0.60
C PHE B 379 -3.91 -13.95 -0.11
N THR B 380 -3.17 -13.05 0.52
CA THR B 380 -2.78 -11.76 -0.07
C THR B 380 -2.23 -11.91 -1.50
N CYS B 381 -1.26 -12.82 -1.64
CA CYS B 381 -0.59 -13.06 -2.89
C CYS B 381 -1.59 -13.61 -3.92
N VAL B 382 -2.28 -14.70 -3.62
CA VAL B 382 -3.16 -15.32 -4.58
C VAL B 382 -4.22 -14.29 -5.01
N MET B 383 -4.83 -13.59 -4.07
CA MET B 383 -5.83 -12.60 -4.41
C MET B 383 -5.26 -11.47 -5.26
N THR B 384 -4.00 -11.03 -5.07
CA THR B 384 -3.35 -10.03 -5.92
C THR B 384 -3.04 -10.56 -7.32
N LEU B 385 -2.51 -11.79 -7.44
CA LEU B 385 -2.21 -12.35 -8.74
C LEU B 385 -3.48 -12.63 -9.54
N LEU B 386 -4.57 -13.05 -8.90
CA LEU B 386 -5.89 -13.14 -9.55
C LEU B 386 -6.42 -11.79 -10.07
N TYR B 387 -5.91 -10.69 -9.58
CA TYR B 387 -6.32 -9.38 -10.06
C TYR B 387 -5.62 -9.00 -11.39
N ALA B 388 -4.51 -9.64 -11.71
CA ALA B 388 -3.61 -9.10 -12.71
C ALA B 388 -4.25 -9.11 -14.11
N PHE B 389 -5.16 -10.06 -14.40
CA PHE B 389 -5.65 -10.21 -15.77
C PHE B 389 -6.89 -9.35 -16.09
N SER B 390 -7.38 -8.53 -15.15
CA SER B 390 -8.41 -7.52 -15.47
C SER B 390 -7.82 -6.36 -16.29
N LYS B 391 -8.65 -5.70 -17.12
CA LYS B 391 -8.21 -4.82 -18.20
C LYS B 391 -8.15 -3.33 -17.79
N ASP B 392 -9.24 -2.79 -17.22
CA ASP B 392 -9.45 -1.36 -17.06
C ASP B 392 -9.10 -0.86 -15.65
N ILE B 393 -7.96 -1.34 -15.10
CA ILE B 393 -7.64 -1.19 -13.69
C ILE B 393 -7.61 0.29 -13.30
N PHE B 394 -7.09 1.15 -14.18
CA PHE B 394 -6.88 2.56 -13.84
C PHE B 394 -8.19 3.36 -13.83
N SER B 395 -9.31 2.76 -14.27
CA SER B 395 -10.64 3.25 -13.90
C SER B 395 -10.97 2.87 -12.45
N VAL B 396 -10.79 1.57 -12.11
CA VAL B 396 -11.14 0.94 -10.84
C VAL B 396 -10.55 1.70 -9.64
N ILE B 397 -9.24 1.79 -9.63
CA ILE B 397 -8.51 2.40 -8.52
C ILE B 397 -8.78 3.90 -8.43
N ASN B 398 -9.33 4.54 -9.48
CA ASN B 398 -9.71 5.94 -9.43
C ASN B 398 -11.10 6.05 -8.82
N PHE B 399 -12.10 5.28 -9.28
CA PHE B 399 -13.45 5.44 -8.74
C PHE B 399 -13.57 4.95 -7.28
N PHE B 400 -12.68 4.06 -6.84
CA PHE B 400 -12.50 3.76 -5.41
C PHE B 400 -11.47 4.64 -4.69
N SER B 401 -10.76 5.57 -5.37
CA SER B 401 -9.74 6.42 -4.75
C SER B 401 -10.28 7.13 -3.51
N PHE B 402 -11.51 7.65 -3.63
CA PHE B 402 -12.17 8.45 -2.61
C PHE B 402 -12.57 7.62 -1.38
N PHE B 403 -12.79 6.31 -1.54
CA PHE B 403 -13.21 5.46 -0.42
C PHE B 403 -12.15 5.41 0.70
N ASN B 404 -10.87 5.49 0.37
CA ASN B 404 -9.82 5.58 1.37
C ASN B 404 -10.02 6.85 2.20
N TRP B 405 -10.24 8.01 1.55
CA TRP B 405 -10.35 9.30 2.22
C TRP B 405 -11.61 9.33 3.07
N LEU B 406 -12.67 8.71 2.57
CA LEU B 406 -13.90 8.59 3.34
C LEU B 406 -13.64 7.85 4.66
N CYS B 407 -12.99 6.69 4.60
CA CYS B 407 -12.67 5.94 5.79
C CYS B 407 -11.72 6.65 6.76
N VAL B 408 -10.70 7.34 6.27
CA VAL B 408 -9.82 8.15 7.10
C VAL B 408 -10.64 9.23 7.82
N ALA B 409 -11.61 9.87 7.13
CA ALA B 409 -12.47 10.82 7.77
C ALA B 409 -13.33 10.13 8.84
N LEU B 410 -14.01 9.02 8.53
CA LEU B 410 -14.82 8.31 9.52
C LEU B 410 -13.98 7.91 10.74
N ALA B 411 -12.70 7.56 10.56
CA ALA B 411 -11.83 7.20 11.67
C ALA B 411 -11.59 8.38 12.60
N ILE B 412 -11.22 9.55 12.06
CA ILE B 412 -11.00 10.69 12.96
C ILE B 412 -12.33 11.25 13.54
N ILE B 413 -13.46 11.17 12.81
CA ILE B 413 -14.78 11.42 13.37
C ILE B 413 -15.04 10.49 14.58
N GLY B 414 -14.73 9.21 14.41
CA GLY B 414 -14.81 8.24 15.49
C GLY B 414 -13.92 8.62 16.68
N MET B 415 -12.73 9.19 16.43
CA MET B 415 -11.84 9.60 17.49
C MET B 415 -12.47 10.71 18.36
N ILE B 416 -13.08 11.73 17.75
CA ILE B 416 -13.77 12.78 18.49
C ILE B 416 -15.04 12.27 19.20
N TRP B 417 -15.80 11.38 18.57
CA TRP B 417 -16.96 10.71 19.18
C TRP B 417 -16.56 9.88 20.40
N LEU B 418 -15.42 9.19 20.34
CA LEU B 418 -14.79 8.55 21.50
C LEU B 418 -14.31 9.56 22.55
N ARG B 419 -13.73 10.71 22.18
CA ARG B 419 -13.31 11.67 23.22
C ARG B 419 -14.51 12.25 24.00
N HIS B 420 -15.71 12.31 23.39
CA HIS B 420 -16.96 12.58 24.11
C HIS B 420 -17.41 11.37 24.96
N ARG B 421 -17.55 10.19 24.36
CA ARG B 421 -18.22 9.05 25.02
C ARG B 421 -17.32 8.33 26.03
N LYS B 422 -15.99 8.34 25.84
CA LYS B 422 -15.04 7.60 26.68
C LYS B 422 -13.82 8.46 27.00
N PRO B 423 -13.95 9.45 27.92
CA PRO B 423 -12.79 10.07 28.56
C PRO B 423 -12.04 9.07 29.47
N GLU B 424 -12.70 7.93 29.77
CA GLU B 424 -12.16 6.82 30.54
C GLU B 424 -10.89 6.18 29.95
N LEU B 425 -10.75 6.19 28.60
CA LEU B 425 -9.63 5.55 27.91
C LEU B 425 -8.33 6.36 28.11
N GLU B 426 -7.20 5.65 28.30
CA GLU B 426 -5.92 6.34 28.45
C GLU B 426 -5.46 6.85 27.08
N ARG B 427 -4.76 8.01 27.06
CA ARG B 427 -4.33 8.69 25.85
C ARG B 427 -2.91 9.25 26.08
N PRO B 428 -1.84 8.42 25.96
CA PRO B 428 -0.45 8.86 26.18
C PRO B 428 0.04 10.06 25.36
N ILE B 429 -0.62 10.38 24.23
CA ILE B 429 -0.51 11.69 23.59
C ILE B 429 -1.89 12.13 23.09
N LYS B 430 -2.16 13.44 23.13
CA LYS B 430 -3.40 14.05 22.65
C LYS B 430 -3.12 15.26 21.77
N VAL B 431 -4.01 15.46 20.77
CA VAL B 431 -3.96 16.59 19.85
C VAL B 431 -5.13 17.52 20.15
N ASN B 432 -4.85 18.85 20.01
CA ASN B 432 -5.82 19.92 20.28
C ASN B 432 -6.95 19.83 19.26
N LEU B 433 -8.21 19.81 19.72
CA LEU B 433 -9.34 19.28 18.95
C LEU B 433 -9.59 20.04 17.63
N ALA B 434 -9.11 21.30 17.51
CA ALA B 434 -9.17 22.07 16.29
C ALA B 434 -8.56 21.35 15.08
N LEU B 435 -7.44 20.60 15.28
CA LEU B 435 -6.74 19.94 14.15
C LEU B 435 -7.63 18.84 13.55
N PRO B 436 -8.15 17.86 14.32
CA PRO B 436 -9.20 16.97 13.84
C PRO B 436 -10.35 17.66 13.10
N VAL B 437 -10.89 18.75 13.65
CA VAL B 437 -12.05 19.41 13.02
C VAL B 437 -11.67 20.04 11.67
N PHE B 438 -10.48 20.70 11.63
CA PHE B 438 -9.86 21.20 10.41
C PHE B 438 -9.68 20.09 9.37
N PHE B 439 -9.17 18.94 9.82
CA PHE B 439 -8.91 17.79 8.96
C PHE B 439 -10.20 17.15 8.44
N ILE B 440 -11.22 16.95 9.27
CA ILE B 440 -12.51 16.41 8.80
C ILE B 440 -13.22 17.35 7.83
N LEU B 441 -13.17 18.68 8.06
CA LEU B 441 -13.68 19.62 7.08
C LEU B 441 -12.94 19.40 5.73
N ALA B 442 -11.61 19.41 5.75
CA ALA B 442 -10.80 19.23 4.56
C ALA B 442 -11.08 17.90 3.86
N CYS B 443 -11.27 16.80 4.61
CA CYS B 443 -11.61 15.52 4.03
C CYS B 443 -12.97 15.55 3.32
N LEU B 444 -14.04 15.94 4.03
CA LEU B 444 -15.39 15.84 3.49
C LEU B 444 -15.59 16.82 2.33
N PHE B 445 -14.91 17.98 2.35
CA PHE B 445 -14.79 18.88 1.20
C PHE B 445 -14.23 18.13 -0.02
N LEU B 446 -13.12 17.42 0.14
CA LEU B 446 -12.48 16.70 -0.96
C LEU B 446 -13.30 15.47 -1.41
N ILE B 447 -14.05 14.80 -0.54
CA ILE B 447 -14.96 13.74 -0.99
C ILE B 447 -15.99 14.35 -1.95
N ALA B 448 -16.58 15.51 -1.60
CA ALA B 448 -17.63 16.16 -2.39
C ALA B 448 -17.16 16.51 -3.81
N VAL B 449 -15.87 16.87 -3.99
CA VAL B 449 -15.31 17.18 -5.31
C VAL B 449 -15.50 16.03 -6.30
N SER B 450 -15.33 14.78 -5.85
CA SER B 450 -15.47 13.60 -6.70
C SER B 450 -16.81 13.58 -7.43
N PHE B 451 -17.90 13.88 -6.72
CA PHE B 451 -19.26 13.84 -7.25
C PHE B 451 -19.62 15.07 -8.10
N TRP B 452 -18.79 16.13 -8.08
CA TRP B 452 -18.94 17.25 -9.00
C TRP B 452 -18.17 16.99 -10.30
N LYS B 453 -16.88 16.64 -10.22
CA LYS B 453 -15.98 16.55 -11.37
C LYS B 453 -16.03 15.19 -12.09
N THR B 454 -16.31 14.09 -11.34
CA THR B 454 -16.27 12.72 -11.85
C THR B 454 -17.28 11.79 -11.15
N PRO B 455 -18.62 12.08 -11.16
CA PRO B 455 -19.63 11.18 -10.57
C PRO B 455 -19.95 9.94 -11.39
N VAL B 456 -19.57 9.93 -12.68
CA VAL B 456 -20.16 9.08 -13.73
C VAL B 456 -19.91 7.58 -13.42
N GLU B 457 -18.73 7.26 -12.88
CA GLU B 457 -18.31 5.90 -12.59
C GLU B 457 -18.95 5.32 -11.32
N CYS B 458 -19.45 6.20 -10.43
CA CYS B 458 -19.55 5.92 -8.99
C CYS B 458 -20.40 4.69 -8.70
N GLY B 459 -21.51 4.49 -9.44
CA GLY B 459 -22.42 3.36 -9.29
C GLY B 459 -21.75 1.97 -9.40
N ILE B 460 -20.75 1.84 -10.27
CA ILE B 460 -20.00 0.59 -10.46
C ILE B 460 -19.22 0.26 -9.19
N GLY B 461 -18.58 1.26 -8.54
CA GLY B 461 -17.89 1.09 -7.24
C GLY B 461 -18.89 0.86 -6.10
N PHE B 462 -19.91 1.71 -6.00
CA PHE B 462 -20.91 1.64 -4.94
C PHE B 462 -21.70 0.31 -4.93
N THR B 463 -21.90 -0.32 -6.09
CA THR B 463 -22.43 -1.67 -6.18
C THR B 463 -21.62 -2.67 -5.36
N ILE B 464 -20.27 -2.56 -5.34
CA ILE B 464 -19.45 -3.53 -4.63
C ILE B 464 -19.57 -3.28 -3.13
N ILE B 465 -19.61 -2.00 -2.71
CA ILE B 465 -19.80 -1.65 -1.30
C ILE B 465 -21.10 -2.31 -0.82
N LEU B 466 -22.21 -2.09 -1.51
CA LEU B 466 -23.49 -2.71 -1.16
C LEU B 466 -23.43 -4.25 -1.25
N SER B 467 -22.67 -4.83 -2.19
CA SER B 467 -22.44 -6.27 -2.25
C SER B 467 -21.68 -6.85 -1.04
N GLY B 468 -21.12 -5.99 -0.17
CA GLY B 468 -20.61 -6.40 1.14
C GLY B 468 -21.67 -6.86 2.14
N LEU B 469 -22.92 -6.35 2.04
CA LEU B 469 -23.97 -6.71 2.98
C LEU B 469 -24.38 -8.19 2.86
N PRO B 470 -24.74 -8.76 1.68
CA PRO B 470 -25.04 -10.19 1.51
C PRO B 470 -24.04 -11.15 2.12
N VAL B 471 -22.76 -10.89 1.83
CA VAL B 471 -21.69 -11.76 2.32
C VAL B 471 -21.53 -11.65 3.84
N TYR B 472 -21.79 -10.47 4.42
CA TYR B 472 -21.80 -10.33 5.87
C TYR B 472 -22.85 -11.25 6.51
N PHE B 473 -24.07 -11.25 5.96
CA PHE B 473 -25.14 -12.05 6.56
C PHE B 473 -24.80 -13.54 6.51
N PHE B 474 -24.53 -14.09 5.32
CA PHE B 474 -24.21 -15.50 5.13
C PHE B 474 -22.91 -15.93 5.83
N GLY B 475 -21.90 -15.07 5.86
CA GLY B 475 -20.59 -15.43 6.38
C GLY B 475 -20.40 -15.21 7.88
N VAL B 476 -21.16 -14.27 8.50
CA VAL B 476 -20.80 -13.74 9.81
C VAL B 476 -22.01 -13.72 10.77
N TRP B 477 -23.16 -13.21 10.33
CA TRP B 477 -24.36 -13.15 11.18
C TRP B 477 -25.12 -14.50 11.30
N TRP B 478 -25.14 -15.30 10.22
CA TRP B 478 -25.87 -16.57 10.12
C TRP B 478 -25.37 -17.67 11.06
N LYS B 479 -24.07 -17.69 11.39
CA LYS B 479 -23.40 -18.71 12.22
C LYS B 479 -23.60 -20.15 11.70
N ASN B 480 -23.53 -20.33 10.37
CA ASN B 480 -23.32 -21.59 9.67
C ASN B 480 -24.26 -22.72 10.13
N LYS B 481 -25.58 -22.46 10.14
CA LYS B 481 -26.56 -23.38 10.73
C LYS B 481 -26.49 -24.79 10.12
N PRO B 482 -26.38 -25.00 8.77
CA PRO B 482 -26.27 -26.35 8.19
C PRO B 482 -24.95 -27.04 8.54
N LYS B 483 -25.04 -28.18 9.26
CA LYS B 483 -23.87 -28.86 9.81
C LYS B 483 -23.00 -29.48 8.71
N TRP B 484 -23.56 -29.74 7.52
CA TRP B 484 -22.78 -30.23 6.39
C TRP B 484 -21.84 -29.14 5.84
N LEU B 485 -22.29 -27.88 5.77
CA LEU B 485 -21.43 -26.75 5.41
C LEU B 485 -20.34 -26.55 6.48
N LEU B 486 -20.70 -26.59 7.76
CA LEU B 486 -19.74 -26.48 8.86
C LEU B 486 -18.66 -27.58 8.77
N GLN B 487 -19.04 -28.82 8.48
CA GLN B 487 -18.09 -29.91 8.29
C GLN B 487 -17.18 -29.65 7.07
N GLY B 488 -17.72 -29.11 5.96
CA GLY B 488 -16.92 -28.70 4.80
C GLY B 488 -15.91 -27.60 5.12
N ILE B 489 -16.34 -26.58 5.89
CA ILE B 489 -15.47 -25.51 6.39
C ILE B 489 -14.38 -26.09 7.28
N PHE B 490 -14.75 -26.97 8.21
CA PHE B 490 -13.80 -27.57 9.13
C PHE B 490 -12.80 -28.46 8.38
N SER B 491 -13.28 -29.31 7.48
CA SER B 491 -12.44 -30.12 6.59
C SER B 491 -11.42 -29.26 5.82
N THR B 492 -11.90 -28.23 5.14
CA THR B 492 -11.07 -27.26 4.42
C THR B 492 -10.03 -26.64 5.34
N THR B 493 -10.46 -26.22 6.52
CA THR B 493 -9.56 -25.65 7.53
C THR B 493 -8.46 -26.64 7.89
N VAL B 494 -8.80 -27.84 8.37
CA VAL B 494 -7.80 -28.75 8.89
C VAL B 494 -6.83 -29.19 7.78
N LEU B 495 -7.28 -29.24 6.50
CA LEU B 495 -6.35 -29.48 5.39
C LEU B 495 -5.27 -28.39 5.36
N CYS B 496 -5.68 -27.12 5.45
CA CYS B 496 -4.73 -26.02 5.48
C CYS B 496 -3.80 -26.13 6.69
N GLN B 497 -4.36 -26.45 7.86
CA GLN B 497 -3.60 -26.60 9.09
C GLN B 497 -2.48 -27.61 8.87
N LYS B 498 -2.82 -28.86 8.46
CA LYS B 498 -1.91 -29.98 8.27
C LYS B 498 -0.85 -29.61 7.24
N LEU B 499 -1.31 -29.02 6.13
CA LEU B 499 -0.47 -28.67 5.00
C LEU B 499 0.57 -27.61 5.37
N MET B 500 0.11 -26.42 5.80
CA MET B 500 1.00 -25.29 6.04
C MET B 500 1.71 -25.34 7.40
N GLN B 501 1.24 -26.19 8.33
CA GLN B 501 1.74 -26.30 9.69
C GLN B 501 1.55 -24.97 10.42
N VAL B 502 0.28 -24.63 10.71
CA VAL B 502 -0.08 -23.35 11.33
C VAL B 502 -1.12 -23.55 12.43
N VAL B 503 -1.10 -22.64 13.43
CA VAL B 503 -1.82 -22.82 14.69
C VAL B 503 -2.37 -21.48 15.18
N PRO B 504 -3.46 -21.41 15.97
CA PRO B 504 -3.95 -20.10 16.46
C PRO B 504 -2.94 -19.37 17.35
N GLN B 505 -3.12 -18.05 17.45
CA GLN B 505 -2.33 -17.25 18.37
C GLN B 505 -2.80 -17.43 19.82
N GLU B 506 -1.83 -17.43 20.76
CA GLU B 506 -2.10 -17.28 22.19
C GLU B 506 -1.70 -15.87 22.64
N THR B 507 -2.61 -15.20 23.37
CA THR B 507 -2.47 -13.79 23.74
C THR B 507 -1.33 -13.61 24.75
#